data_4J1S
#
_entry.id   4J1S
#
_cell.length_a   59.551
_cell.length_b   59.551
_cell.length_c   221.084
_cell.angle_alpha   90.00
_cell.angle_beta   90.00
_cell.angle_gamma   120.00
#
_symmetry.space_group_name_H-M   'P 61'
#
_entity_poly.entity_id   1
_entity_poly.type   'polypeptide(L)'
_entity_poly.pdbx_seq_one_letter_code
;MGSSHHHHHHSSGLVPRGSHMERLMLEPVWEKQNEEREDEDLSYTEHIIVLFETERSVTDSIASHMKDARVITLNEAVGH
IAERYQCYMQNIFELLQSKVRKLSAGRIIIQAIVPLEKEKQLFAGVSGLFKTAEIEFSKLTAQVIEIEKPEEMIDLHLKL
KDDSRRPFDKQIRYEAGYRFVKGWREMVLPSADTLHMPWRDEGVYLITGGAGSLGLLFAKEIANRTGRSTIVLTGRSVLS
EDKENELEALRSIGAEVVYREADVSDQHAVRHLLEEIKERYGTLNGIIHGAGSSKDRFIIHKTNEEFQEVLQPKVSGLLH
VDECSKDFPLDFFIFFSSVSGCLGNAGQADYAAANSFMDAFAEYRRSLAASKKRFGSTISFNWPLWEEGGMQVGAEDEKR
MLKTTGMVPMPTDSGLKAFYQGIVSDKPQVFVMEGQLQKMKQKLLSAGSKAKRNDQRKADQDQG
;
_entity_poly.pdbx_strand_id   A
#
# COMPACT_ATOMS: atom_id res chain seq x y z
N HIS A 20 -10.46 27.35 5.05
CA HIS A 20 -9.06 27.76 4.77
C HIS A 20 -8.15 26.56 4.53
N MET A 21 -8.65 25.37 4.82
CA MET A 21 -7.96 24.13 4.48
C MET A 21 -8.72 23.42 3.36
N GLU A 22 -8.01 22.75 2.46
CA GLU A 22 -8.65 22.02 1.37
C GLU A 22 -8.04 20.66 1.15
N ARG A 23 -8.88 19.69 0.81
CA ARG A 23 -8.40 18.47 0.29
C ARG A 23 -7.57 18.79 -0.92
N LEU A 24 -6.31 18.39 -0.89
CA LEU A 24 -5.54 18.17 -2.11
C LEU A 24 -5.67 16.69 -2.45
N MET A 25 -5.64 16.36 -3.74
CA MET A 25 -5.94 14.96 -4.16
C MET A 25 -5.12 14.59 -5.40
N LEU A 26 -4.36 13.48 -5.32
CA LEU A 26 -3.29 13.19 -6.31
C LEU A 26 -3.37 11.78 -6.94
N GLU A 27 -2.68 11.61 -8.03
CA GLU A 27 -2.82 10.40 -8.77
C GLU A 27 -1.49 10.07 -9.44
N PRO A 28 -0.97 8.82 -9.24
CA PRO A 28 0.43 8.50 -9.63
C PRO A 28 0.60 8.47 -11.15
N VAL A 29 1.76 8.96 -11.64
CA VAL A 29 2.00 8.97 -13.09
C VAL A 29 3.43 8.55 -13.44
N TRP A 30 3.55 7.74 -14.48
CA TRP A 30 4.81 7.52 -15.14
C TRP A 30 5.08 8.60 -16.15
N GLU A 31 6.09 9.42 -15.88
CA GLU A 31 6.45 10.54 -16.75
C GLU A 31 7.83 10.35 -17.35
N LYS A 32 8.07 10.98 -18.50
CA LYS A 32 9.41 11.23 -18.98
C LYS A 32 9.99 12.47 -18.30
N GLN A 33 11.10 12.29 -17.61
CA GLN A 33 11.62 13.36 -16.77
C GLN A 33 13.11 13.19 -16.50
N ASN A 34 13.94 13.58 -17.47
CA ASN A 34 15.40 13.41 -17.35
C ASN A 34 16.17 14.74 -17.50
N GLU A 35 15.66 15.78 -16.86
CA GLU A 35 16.08 17.14 -17.15
C GLU A 35 17.54 17.43 -16.76
N GLU A 36 17.96 16.98 -15.59
CA GLU A 36 19.33 17.23 -15.10
C GLU A 36 20.15 15.97 -15.06
N LEU A 42 27.11 13.23 -5.80
CA LEU A 42 28.30 12.88 -5.05
C LEU A 42 28.61 11.37 -5.13
N SER A 43 29.59 10.94 -4.34
CA SER A 43 30.16 9.60 -4.46
C SER A 43 29.64 8.67 -3.36
N TYR A 44 29.55 7.38 -3.69
CA TYR A 44 29.00 6.40 -2.77
C TYR A 44 30.08 5.52 -2.15
N THR A 45 30.09 5.46 -0.83
CA THR A 45 30.93 4.50 -0.09
C THR A 45 30.59 3.06 -0.47
N GLU A 46 29.35 2.82 -0.89
CA GLU A 46 28.91 1.47 -1.22
C GLU A 46 27.77 1.45 -2.25
N HIS A 47 27.76 0.41 -3.09
CA HIS A 47 26.70 0.23 -4.10
C HIS A 47 26.13 -1.13 -4.04
N ILE A 48 24.81 -1.19 -3.77
CA ILE A 48 24.10 -2.46 -3.61
C ILE A 48 22.94 -2.56 -4.57
N ILE A 49 22.80 -3.71 -5.21
CA ILE A 49 21.70 -3.97 -6.11
C ILE A 49 21.01 -5.29 -5.78
N VAL A 50 19.68 -5.24 -5.66
CA VAL A 50 18.90 -6.40 -5.23
C VAL A 50 17.98 -6.81 -6.35
N LEU A 51 18.09 -8.08 -6.78
CA LEU A 51 17.27 -8.60 -7.90
C LEU A 51 16.18 -9.54 -7.38
N PHE A 52 14.94 -9.24 -7.75
CA PHE A 52 13.78 -9.98 -7.28
C PHE A 52 13.42 -11.08 -8.24
N GLU A 53 13.99 -12.26 -8.05
CA GLU A 53 13.65 -13.42 -8.88
C GLU A 53 13.85 -13.09 -10.36
N THR A 54 14.91 -12.35 -10.62
CA THR A 54 15.29 -12.00 -11.97
C THR A 54 15.87 -13.22 -12.65
N GLU A 55 16.19 -13.08 -13.94
CA GLU A 55 16.82 -14.17 -14.71
C GLU A 55 18.28 -14.39 -14.33
N ARG A 56 18.65 -15.67 -14.28
CA ARG A 56 20.00 -16.11 -14.03
C ARG A 56 20.97 -15.29 -14.85
N SER A 57 20.64 -15.15 -16.14
CA SER A 57 21.47 -14.45 -17.07
C SER A 57 21.67 -13.05 -16.57
N VAL A 58 20.57 -12.44 -16.15
CA VAL A 58 20.59 -11.07 -15.70
C VAL A 58 21.58 -10.94 -14.56
N THR A 59 21.45 -11.84 -13.59
CA THR A 59 22.32 -11.85 -12.43
C THR A 59 23.78 -11.84 -12.82
N ASP A 60 24.16 -12.80 -13.65
CA ASP A 60 25.55 -12.98 -14.01
C ASP A 60 26.09 -11.78 -14.77
N SER A 61 25.33 -11.31 -15.75
CA SER A 61 25.78 -10.19 -16.56
C SER A 61 26.03 -9.00 -15.67
N ILE A 62 25.08 -8.72 -14.78
CA ILE A 62 25.19 -7.56 -13.93
C ILE A 62 26.40 -7.65 -13.00
N ALA A 63 26.57 -8.79 -12.34
CA ALA A 63 27.66 -8.93 -11.40
C ALA A 63 28.96 -8.65 -12.14
N SER A 64 29.12 -9.30 -13.29
CA SER A 64 30.34 -9.20 -14.06
C SER A 64 30.61 -7.75 -14.42
N HIS A 65 29.57 -7.07 -14.89
CA HIS A 65 29.71 -5.72 -15.39
C HIS A 65 29.83 -4.70 -14.28
N MET A 66 29.36 -5.04 -13.09
CA MET A 66 29.24 -4.05 -12.00
C MET A 66 30.01 -4.45 -10.75
N LYS A 67 31.17 -5.05 -10.93
CA LYS A 67 31.84 -5.71 -9.81
C LYS A 67 32.24 -4.74 -8.69
N ASP A 68 31.99 -3.45 -8.91
CA ASP A 68 32.17 -2.42 -7.88
C ASP A 68 30.92 -2.24 -6.98
N ALA A 69 29.93 -3.11 -7.17
CA ALA A 69 28.70 -3.07 -6.37
C ALA A 69 28.42 -4.48 -5.86
N ARG A 70 27.92 -4.59 -4.65
CA ARG A 70 27.43 -5.87 -4.16
C ARG A 70 26.13 -6.22 -4.85
N VAL A 71 25.96 -7.49 -5.16
CA VAL A 71 24.76 -7.94 -5.83
C VAL A 71 24.08 -9.04 -5.04
N ILE A 72 22.82 -8.83 -4.70
CA ILE A 72 22.05 -9.81 -3.94
C ILE A 72 20.93 -10.38 -4.79
N THR A 73 20.78 -11.69 -4.75
CA THR A 73 19.81 -12.36 -5.57
C THR A 73 18.77 -13.00 -4.67
N LEU A 74 17.57 -12.47 -4.68
CA LEU A 74 16.46 -13.12 -4.01
C LEU A 74 15.73 -13.97 -4.99
N ASN A 75 15.86 -15.28 -4.83
CA ASN A 75 15.09 -16.23 -5.61
C ASN A 75 14.48 -17.28 -4.70
N GLU A 76 14.73 -17.13 -3.40
CA GLU A 76 14.84 -18.29 -2.55
C GLU A 76 13.54 -18.79 -1.91
N ALA A 77 12.58 -17.90 -1.70
CA ALA A 77 11.39 -18.24 -0.89
C ALA A 77 10.35 -19.05 -1.64
N VAL A 78 9.64 -19.91 -0.90
CA VAL A 78 8.51 -20.65 -1.45
C VAL A 78 7.22 -20.21 -0.76
N GLY A 79 6.21 -19.90 -1.55
CA GLY A 79 4.91 -19.48 -1.02
C GLY A 79 4.10 -18.85 -2.10
N HIS A 80 2.89 -18.43 -1.77
CA HIS A 80 2.19 -17.54 -2.67
C HIS A 80 2.89 -16.21 -2.71
N ILE A 81 2.57 -15.42 -3.71
CA ILE A 81 3.27 -14.18 -3.96
C ILE A 81 3.42 -13.34 -2.68
N ALA A 82 2.38 -13.33 -1.86
CA ALA A 82 2.39 -12.54 -0.65
C ALA A 82 3.43 -13.08 0.32
N GLU A 83 3.53 -14.40 0.40
CA GLU A 83 4.48 -15.06 1.27
C GLU A 83 5.88 -14.68 0.88
N ARG A 84 6.12 -14.66 -0.43
CA ARG A 84 7.44 -14.38 -0.95
C ARG A 84 7.82 -12.91 -0.70
N TYR A 85 6.85 -12.02 -0.90
CA TYR A 85 7.00 -10.60 -0.59
C TYR A 85 7.39 -10.37 0.86
N GLN A 86 6.60 -10.91 1.78
CA GLN A 86 6.88 -10.75 3.21
C GLN A 86 8.31 -11.21 3.51
N CYS A 87 8.68 -12.37 2.99
CA CYS A 87 10.01 -12.91 3.15
C CYS A 87 11.09 -11.95 2.63
N TYR A 88 10.93 -11.48 1.40
CA TYR A 88 11.96 -10.64 0.79
C TYR A 88 12.08 -9.30 1.46
N MET A 89 10.93 -8.78 1.91
CA MET A 89 10.91 -7.51 2.66
C MET A 89 11.73 -7.65 3.94
N GLN A 90 11.60 -8.79 4.62
CA GLN A 90 12.37 -9.05 5.80
C GLN A 90 13.85 -9.13 5.50
N ASN A 91 14.20 -9.72 4.36
CA ASN A 91 15.60 -9.75 3.90
C ASN A 91 16.15 -8.35 3.68
N ILE A 92 15.38 -7.50 2.96
CA ILE A 92 15.78 -6.07 2.78
C ILE A 92 15.93 -5.43 4.12
N PHE A 93 14.98 -5.73 5.00
CA PHE A 93 14.90 -5.13 6.30
C PHE A 93 16.12 -5.50 7.15
N GLU A 94 16.54 -6.77 7.05
CA GLU A 94 17.69 -7.23 7.84
C GLU A 94 18.99 -6.74 7.24
N LEU A 95 19.00 -6.54 5.93
CA LEU A 95 20.09 -5.90 5.24
C LEU A 95 20.36 -4.47 5.75
N LEU A 96 19.32 -3.64 5.81
CA LEU A 96 19.48 -2.27 6.34
C LEU A 96 20.03 -2.28 7.75
N GLN A 97 19.37 -3.00 8.64
CA GLN A 97 19.79 -3.11 10.03
C GLN A 97 21.27 -3.30 10.15
N SER A 98 21.79 -4.26 9.38
CA SER A 98 23.20 -4.64 9.44
C SER A 98 24.09 -3.48 9.03
N LYS A 99 23.74 -2.84 7.92
CA LYS A 99 24.57 -1.82 7.34
C LYS A 99 24.43 -0.53 8.10
N VAL A 100 23.79 -0.60 9.25
CA VAL A 100 23.37 0.60 9.93
C VAL A 100 24.54 1.48 10.36
N ARG A 101 25.62 0.84 10.82
CA ARG A 101 26.81 1.55 11.22
C ARG A 101 27.45 2.27 10.03
N LYS A 102 27.48 1.60 8.88
CA LYS A 102 28.00 2.23 7.65
C LYS A 102 27.21 3.50 7.31
N LEU A 103 25.89 3.36 7.20
CA LEU A 103 25.05 4.48 6.86
C LEU A 103 25.41 5.68 7.71
N SER A 104 25.74 5.44 8.97
CA SER A 104 26.18 6.52 9.81
C SER A 104 27.46 7.11 9.24
N ALA A 105 28.37 6.24 8.81
CA ALA A 105 29.70 6.68 8.38
C ALA A 105 29.67 7.42 7.05
N GLY A 106 28.96 6.86 6.08
CA GLY A 106 29.09 7.31 4.70
C GLY A 106 27.93 6.91 3.82
N ARG A 107 27.94 7.42 2.58
CA ARG A 107 26.80 7.26 1.68
C ARG A 107 26.68 5.89 1.05
N ILE A 108 25.44 5.52 0.75
CA ILE A 108 25.21 4.25 0.13
C ILE A 108 24.04 4.29 -0.83
N ILE A 109 24.09 3.41 -1.83
CA ILE A 109 23.05 3.30 -2.82
C ILE A 109 22.55 1.86 -2.88
N ILE A 110 21.23 1.67 -2.71
CA ILE A 110 20.57 0.41 -3.05
C ILE A 110 19.65 0.60 -4.23
N GLN A 111 19.72 -0.33 -5.18
CA GLN A 111 18.80 -0.36 -6.31
C GLN A 111 18.11 -1.71 -6.36
N ALA A 112 16.77 -1.69 -6.35
CA ALA A 112 15.99 -2.90 -6.46
C ALA A 112 15.55 -3.09 -7.88
N ILE A 113 15.78 -4.28 -8.41
CA ILE A 113 15.35 -4.60 -9.75
C ILE A 113 14.14 -5.48 -9.71
N VAL A 114 13.04 -4.92 -10.15
CA VAL A 114 11.77 -5.62 -10.18
C VAL A 114 11.37 -5.78 -11.63
N PRO A 115 11.22 -7.03 -12.08
CA PRO A 115 10.73 -7.30 -13.40
C PRO A 115 9.21 -7.29 -13.41
N LEU A 116 8.63 -6.44 -14.24
CA LEU A 116 7.22 -6.53 -14.55
C LEU A 116 6.95 -7.87 -15.20
N GLU A 117 6.16 -8.69 -14.53
CA GLU A 117 5.81 -9.99 -14.99
C GLU A 117 4.54 -10.36 -14.28
N LYS A 118 4.12 -11.62 -14.38
CA LYS A 118 2.79 -12.02 -13.94
C LYS A 118 2.44 -11.50 -12.52
N GLU A 119 3.30 -11.81 -11.55
CA GLU A 119 3.06 -11.43 -10.17
C GLU A 119 4.21 -10.67 -9.58
N LYS A 120 5.34 -10.69 -10.29
CA LYS A 120 6.58 -10.11 -9.78
C LYS A 120 6.48 -8.60 -9.73
N GLN A 121 5.43 -8.07 -10.38
CA GLN A 121 5.09 -6.67 -10.33
C GLN A 121 4.95 -6.20 -8.88
N LEU A 122 4.30 -7.02 -8.07
CA LEU A 122 4.00 -6.71 -6.71
C LEU A 122 5.22 -6.38 -5.83
N PHE A 123 6.38 -6.99 -6.15
CA PHE A 123 7.66 -6.67 -5.46
C PHE A 123 7.99 -5.18 -5.53
N ALA A 124 7.40 -4.48 -6.52
CA ALA A 124 7.60 -3.05 -6.66
C ALA A 124 7.17 -2.31 -5.39
N GLY A 125 6.28 -2.94 -4.63
CA GLY A 125 5.93 -2.48 -3.29
C GLY A 125 7.13 -2.22 -2.37
N VAL A 126 8.27 -2.85 -2.63
CA VAL A 126 9.44 -2.63 -1.78
C VAL A 126 9.73 -1.15 -1.66
N SER A 127 9.14 -0.37 -2.56
CA SER A 127 9.30 1.08 -2.53
C SER A 127 8.87 1.76 -1.21
N GLY A 128 7.77 1.30 -0.61
CA GLY A 128 7.37 1.76 0.70
C GLY A 128 8.51 1.62 1.72
N LEU A 129 9.14 0.46 1.73
CA LEU A 129 10.28 0.21 2.62
C LEU A 129 11.48 1.17 2.31
N PHE A 130 11.79 1.36 1.02
CA PHE A 130 12.93 2.21 0.59
C PHE A 130 12.77 3.70 0.97
N LYS A 131 11.57 4.21 0.79
CA LYS A 131 11.24 5.57 1.22
C LYS A 131 11.37 5.77 2.72
N THR A 132 10.91 4.80 3.51
CA THR A 132 11.09 4.90 4.96
C THR A 132 12.56 4.82 5.33
N ALA A 133 13.27 3.83 4.79
CA ALA A 133 14.72 3.71 4.98
C ALA A 133 15.48 5.03 4.72
N GLU A 134 15.12 5.74 3.64
CA GLU A 134 15.73 7.06 3.29
C GLU A 134 15.49 8.12 4.36
N ILE A 135 14.28 8.16 4.89
CA ILE A 135 13.96 9.10 5.96
C ILE A 135 14.79 8.80 7.25
N GLU A 136 14.95 7.51 7.54
CA GLU A 136 15.61 7.09 8.77
C GLU A 136 17.12 7.10 8.63
N PHE A 137 17.61 7.00 7.40
CA PHE A 137 19.04 6.99 7.14
C PHE A 137 19.46 8.13 6.20
N SER A 138 19.93 9.23 6.78
CA SER A 138 20.28 10.46 6.02
C SER A 138 21.01 10.23 4.68
N LYS A 139 21.91 9.26 4.65
CA LYS A 139 22.94 9.20 3.61
C LYS A 139 22.73 8.03 2.68
N LEU A 140 21.50 7.54 2.68
CA LEU A 140 21.10 6.43 1.83
C LEU A 140 20.36 6.96 0.62
N THR A 141 20.72 6.44 -0.55
CA THR A 141 19.90 6.56 -1.76
C THR A 141 19.29 5.20 -2.08
N ALA A 142 17.97 5.13 -2.17
CA ALA A 142 17.29 3.88 -2.49
C ALA A 142 16.36 4.02 -3.71
N GLN A 143 16.59 3.20 -4.74
CA GLN A 143 15.79 3.26 -5.96
C GLN A 143 15.20 1.93 -6.26
N VAL A 144 13.95 1.93 -6.68
CA VAL A 144 13.33 0.73 -7.16
C VAL A 144 13.18 0.87 -8.67
N ILE A 145 13.63 -0.14 -9.39
CA ILE A 145 13.71 -0.10 -10.84
C ILE A 145 12.95 -1.27 -11.45
N GLU A 146 11.84 -0.96 -12.08
CA GLU A 146 10.94 -1.99 -12.62
C GLU A 146 11.24 -2.21 -14.09
N ILE A 147 11.44 -3.47 -14.49
CA ILE A 147 11.96 -3.77 -15.82
C ILE A 147 11.12 -4.83 -16.50
N GLU A 148 10.67 -4.52 -17.73
CA GLU A 148 9.75 -5.39 -18.47
C GLU A 148 10.38 -6.72 -18.86
N LYS A 149 11.59 -6.69 -19.40
CA LYS A 149 12.41 -7.90 -19.56
C LYS A 149 13.86 -7.54 -19.42
N PRO A 150 14.38 -7.53 -18.19
CA PRO A 150 15.73 -7.01 -18.01
C PRO A 150 16.82 -7.87 -18.69
N GLU A 151 16.70 -9.20 -18.65
CA GLU A 151 17.73 -10.07 -19.25
C GLU A 151 17.95 -9.72 -20.70
N GLU A 152 16.87 -9.50 -21.42
CA GLU A 152 16.95 -9.21 -22.83
C GLU A 152 17.73 -7.93 -23.10
N MET A 153 17.61 -6.97 -22.21
CA MET A 153 18.41 -5.75 -22.30
C MET A 153 19.83 -5.99 -21.75
N ILE A 154 20.83 -5.77 -22.59
CA ILE A 154 22.22 -5.83 -22.13
C ILE A 154 22.85 -4.44 -22.19
N ASP A 155 21.99 -3.44 -22.23
CA ASP A 155 22.40 -2.06 -22.04
C ASP A 155 22.25 -1.70 -20.55
N LEU A 156 21.99 -2.70 -19.73
CA LEU A 156 21.43 -2.47 -18.42
C LEU A 156 22.35 -1.68 -17.49
N HIS A 157 23.62 -2.08 -17.47
CA HIS A 157 24.58 -1.57 -16.48
C HIS A 157 24.78 -0.07 -16.55
N LEU A 158 24.78 0.49 -17.76
CA LEU A 158 24.93 1.94 -17.94
C LEU A 158 23.73 2.71 -17.34
N LYS A 159 22.54 2.17 -17.52
CA LYS A 159 21.36 2.77 -16.96
C LYS A 159 21.45 2.82 -15.44
N LEU A 160 21.74 1.66 -14.83
CA LEU A 160 21.84 1.59 -13.38
C LEU A 160 22.86 2.58 -12.92
N LYS A 161 24.03 2.55 -13.59
CA LYS A 161 25.07 3.54 -13.36
C LYS A 161 24.55 4.96 -13.60
N ASP A 162 23.83 5.15 -14.70
CA ASP A 162 23.25 6.46 -14.99
C ASP A 162 22.14 6.85 -13.98
N ASP A 163 21.33 5.87 -13.56
CA ASP A 163 20.30 6.12 -12.56
C ASP A 163 20.92 6.47 -11.22
N SER A 164 22.00 5.73 -10.88
CA SER A 164 22.78 6.02 -9.67
C SER A 164 23.24 7.46 -9.64
N ARG A 165 23.36 8.08 -10.80
CA ARG A 165 23.87 9.45 -10.89
C ARG A 165 22.75 10.49 -10.76
N ARG A 166 21.50 10.04 -10.80
CA ARG A 166 20.35 10.89 -10.42
C ARG A 166 19.65 10.33 -9.18
N PRO A 167 20.20 10.60 -7.98
CA PRO A 167 19.64 10.03 -6.76
C PRO A 167 18.16 10.36 -6.60
N PHE A 168 17.78 11.56 -7.05
CA PHE A 168 16.44 12.10 -6.83
C PHE A 168 15.36 11.28 -7.54
N ASP A 169 15.78 10.26 -8.31
CA ASP A 169 14.85 9.37 -9.01
C ASP A 169 14.58 8.12 -8.20
N LYS A 170 13.42 8.08 -7.56
CA LYS A 170 13.14 7.09 -6.53
C LYS A 170 12.43 5.87 -7.10
N GLN A 171 11.55 6.09 -8.08
CA GLN A 171 10.91 5.00 -8.79
C GLN A 171 11.05 5.17 -10.28
N ILE A 172 11.59 4.15 -10.92
CA ILE A 172 12.01 4.25 -12.28
C ILE A 172 11.49 3.04 -13.05
N ARG A 173 11.06 3.28 -14.29
CA ARG A 173 10.45 2.25 -15.09
C ARG A 173 11.08 2.14 -16.48
N TYR A 174 11.52 0.93 -16.84
CA TYR A 174 11.96 0.63 -18.19
C TYR A 174 11.05 -0.40 -18.84
N GLU A 175 10.33 0.03 -19.87
CA GLU A 175 9.55 -0.88 -20.71
C GLU A 175 9.40 -0.23 -22.08
N ALA A 176 9.59 -1.01 -23.16
CA ALA A 176 9.39 -0.52 -24.54
C ALA A 176 10.29 0.68 -24.92
N GLY A 177 11.60 0.55 -24.66
CA GLY A 177 12.58 1.57 -25.05
C GLY A 177 12.32 2.85 -24.32
N TYR A 178 11.44 2.76 -23.33
CA TYR A 178 10.99 3.90 -22.54
C TYR A 178 11.72 3.97 -21.17
N ARG A 179 12.09 5.16 -20.73
CA ARG A 179 12.52 5.35 -19.35
C ARG A 179 11.58 6.33 -18.61
N PHE A 180 10.75 5.77 -17.71
CA PHE A 180 9.83 6.58 -16.91
C PHE A 180 10.26 6.70 -15.44
N VAL A 181 9.88 7.82 -14.84
CA VAL A 181 10.02 8.04 -13.41
C VAL A 181 8.60 8.24 -12.84
N LYS A 182 8.35 7.78 -11.61
CA LYS A 182 7.03 8.02 -10.98
C LYS A 182 6.96 9.38 -10.29
N GLY A 183 5.81 10.04 -10.44
CA GLY A 183 5.51 11.26 -9.68
C GLY A 183 4.01 11.43 -9.57
N TRP A 184 3.57 12.66 -9.29
CA TRP A 184 2.18 12.89 -8.88
C TRP A 184 1.50 13.91 -9.74
N ARG A 185 0.55 13.46 -10.57
CA ARG A 185 -0.36 14.38 -11.26
C ARG A 185 -1.62 14.66 -10.43
N GLU A 186 -1.90 15.94 -10.22
CA GLU A 186 -3.10 16.37 -9.51
C GLU A 186 -4.39 15.94 -10.24
N MET A 187 -5.41 15.63 -9.45
CA MET A 187 -6.74 15.37 -9.97
C MET A 187 -7.67 16.53 -9.61
N VAL A 188 -8.60 16.87 -10.49
CA VAL A 188 -9.45 18.04 -10.28
C VAL A 188 -10.92 17.75 -10.55
N ASP A 193 -19.73 18.86 -7.55
CA ASP A 193 -21.17 18.66 -7.42
C ASP A 193 -21.50 17.60 -6.39
N THR A 194 -22.78 17.27 -6.25
CA THR A 194 -23.17 16.15 -5.39
C THR A 194 -22.63 14.84 -5.95
N LEU A 195 -22.28 13.92 -5.06
CA LEU A 195 -21.46 12.75 -5.46
C LEU A 195 -22.28 11.54 -5.78
N HIS A 196 -21.90 10.85 -6.87
CA HIS A 196 -22.43 9.51 -7.21
C HIS A 196 -22.01 8.56 -6.16
N MET A 197 -22.72 7.44 -6.04
CA MET A 197 -22.40 6.46 -4.98
C MET A 197 -22.61 5.02 -5.39
N PRO A 198 -21.85 4.12 -4.77
CA PRO A 198 -21.75 2.71 -5.17
C PRO A 198 -22.76 1.80 -4.44
N TRP A 199 -23.55 2.37 -3.54
CA TRP A 199 -24.40 1.60 -2.65
C TRP A 199 -25.61 0.96 -3.33
N ARG A 200 -25.81 -0.33 -3.05
CA ARG A 200 -27.09 -1.01 -3.28
C ARG A 200 -27.87 -1.12 -1.97
N ASP A 201 -29.11 -0.63 -1.99
CA ASP A 201 -29.94 -0.53 -0.79
C ASP A 201 -30.06 -1.87 -0.07
N GLU A 202 -30.26 -2.92 -0.85
CA GLU A 202 -30.01 -4.26 -0.36
C GLU A 202 -28.66 -4.77 -0.85
N GLY A 203 -28.18 -5.84 -0.25
CA GLY A 203 -26.91 -6.44 -0.67
C GLY A 203 -25.77 -6.24 0.32
N VAL A 204 -24.69 -6.98 0.12
CA VAL A 204 -23.74 -7.23 1.19
C VAL A 204 -22.41 -6.50 1.01
N TYR A 205 -21.97 -5.83 2.07
CA TYR A 205 -20.65 -5.24 2.13
C TYR A 205 -19.93 -5.76 3.35
N LEU A 206 -18.67 -6.13 3.17
CA LEU A 206 -17.76 -6.38 4.32
C LEU A 206 -16.61 -5.41 4.41
N ILE A 207 -16.22 -5.15 5.64
CA ILE A 207 -15.08 -4.35 5.94
C ILE A 207 -14.18 -5.18 6.87
N THR A 208 -13.09 -5.68 6.32
CA THR A 208 -12.06 -6.25 7.18
C THR A 208 -11.41 -5.12 7.90
N GLY A 209 -11.03 -5.35 9.15
CA GLY A 209 -10.69 -4.25 10.08
C GLY A 209 -11.90 -3.41 10.39
N GLY A 210 -13.08 -4.02 10.29
CA GLY A 210 -14.32 -3.28 10.30
C GLY A 210 -14.68 -2.65 11.62
N ALA A 211 -14.25 -3.28 12.71
CA ALA A 211 -14.55 -2.77 14.05
C ALA A 211 -13.57 -1.68 14.50
N GLY A 212 -12.58 -1.39 13.65
CA GLY A 212 -11.71 -0.25 13.86
C GLY A 212 -12.45 1.05 13.69
N SER A 213 -11.83 2.15 14.10
CA SER A 213 -12.48 3.44 14.12
C SER A 213 -12.87 3.95 12.70
N LEU A 214 -12.08 3.60 11.68
CA LEU A 214 -12.43 4.00 10.30
C LEU A 214 -13.47 3.11 9.69
N GLY A 215 -13.38 1.80 9.99
CA GLY A 215 -14.35 0.84 9.50
C GLY A 215 -15.74 1.06 10.10
N LEU A 216 -15.79 1.66 11.28
CA LEU A 216 -17.05 2.02 11.87
C LEU A 216 -17.62 3.22 11.19
N LEU A 217 -16.78 4.19 10.88
CA LEU A 217 -17.21 5.40 10.18
C LEU A 217 -17.85 5.04 8.86
N PHE A 218 -17.19 4.20 8.10
CA PHE A 218 -17.73 3.73 6.83
C PHE A 218 -18.94 2.84 7.01
N ALA A 219 -19.01 2.16 8.15
CA ALA A 219 -20.20 1.39 8.54
C ALA A 219 -21.43 2.29 8.69
N LYS A 220 -21.30 3.35 9.49
CA LYS A 220 -22.35 4.33 9.66
C LYS A 220 -22.77 4.92 8.32
N GLU A 221 -21.79 5.34 7.53
CA GLU A 221 -22.06 5.92 6.23
C GLU A 221 -22.92 4.98 5.39
N ILE A 222 -22.51 3.73 5.31
CA ILE A 222 -23.31 2.73 4.63
C ILE A 222 -24.70 2.70 5.24
N ALA A 223 -24.77 2.76 6.58
CA ALA A 223 -26.04 2.73 7.31
C ALA A 223 -26.96 3.87 6.90
N ASN A 224 -26.41 5.07 6.85
CA ASN A 224 -27.16 6.24 6.43
C ASN A 224 -27.65 6.11 5.00
N ARG A 225 -26.83 5.53 4.15
CA ARG A 225 -27.09 5.56 2.72
C ARG A 225 -27.93 4.37 2.27
N THR A 226 -27.88 3.29 3.03
CA THR A 226 -28.18 1.98 2.48
C THR A 226 -29.65 1.59 2.55
N GLY A 227 -30.26 1.78 3.71
CA GLY A 227 -31.66 1.38 3.89
C GLY A 227 -31.84 -0.02 4.46
N ARG A 228 -31.62 -1.04 3.63
CA ARG A 228 -31.81 -2.45 4.05
C ARG A 228 -30.52 -3.26 3.91
N SER A 229 -29.42 -2.67 4.31
CA SER A 229 -28.11 -3.19 3.93
C SER A 229 -27.60 -4.28 4.88
N THR A 230 -26.65 -5.06 4.39
CA THR A 230 -25.93 -6.03 5.23
C THR A 230 -24.42 -5.69 5.31
N ILE A 231 -23.93 -5.48 6.52
CA ILE A 231 -22.55 -5.08 6.73
C ILE A 231 -21.85 -6.08 7.64
N VAL A 232 -20.91 -6.84 7.06
CA VAL A 232 -20.12 -7.82 7.84
C VAL A 232 -18.77 -7.22 8.24
N LEU A 233 -18.65 -6.86 9.52
CA LEU A 233 -17.40 -6.34 10.07
C LEU A 233 -16.54 -7.46 10.62
N THR A 234 -15.26 -7.45 10.29
CA THR A 234 -14.34 -8.48 10.80
C THR A 234 -13.04 -7.92 11.38
N GLY A 235 -12.50 -8.63 12.39
CA GLY A 235 -11.15 -8.39 12.94
C GLY A 235 -10.76 -9.57 13.84
N ARG A 236 -9.65 -9.45 14.58
CA ARG A 236 -9.25 -10.52 15.49
C ARG A 236 -9.97 -10.48 16.85
N SER A 237 -10.06 -9.31 17.45
CA SER A 237 -10.47 -9.22 18.83
C SER A 237 -11.92 -9.61 19.01
N VAL A 238 -12.23 -10.24 20.14
CA VAL A 238 -13.56 -10.15 20.74
C VAL A 238 -13.97 -8.68 20.96
N LEU A 239 -15.21 -8.35 20.61
CA LEU A 239 -15.72 -7.00 20.78
C LEU A 239 -15.78 -6.60 22.24
N SER A 240 -15.27 -5.41 22.55
CA SER A 240 -15.56 -4.77 23.82
C SER A 240 -17.01 -4.27 23.86
N GLU A 241 -17.45 -3.83 25.04
CA GLU A 241 -18.83 -3.43 25.23
C GLU A 241 -19.18 -2.24 24.35
N ASP A 242 -18.31 -1.24 24.34
CA ASP A 242 -18.58 0.02 23.67
C ASP A 242 -18.69 -0.19 22.18
N LYS A 243 -17.86 -1.07 21.65
CA LYS A 243 -17.93 -1.44 20.25
C LYS A 243 -19.30 -2.02 19.90
N GLU A 244 -19.77 -2.96 20.72
CA GLU A 244 -21.11 -3.50 20.54
C GLU A 244 -22.15 -2.39 20.69
N ASN A 245 -21.90 -1.49 21.64
CA ASN A 245 -22.77 -0.33 21.84
C ASN A 245 -22.73 0.61 20.65
N GLU A 246 -21.53 0.90 20.17
CA GLU A 246 -21.34 1.64 18.92
C GLU A 246 -22.00 0.90 17.76
N LEU A 247 -21.84 -0.42 17.78
CA LEU A 247 -22.39 -1.27 16.74
C LEU A 247 -23.93 -1.24 16.74
N GLU A 248 -24.51 -1.17 17.94
CA GLU A 248 -25.94 -1.38 18.10
C GLU A 248 -26.76 -0.28 17.43
N ALA A 249 -26.25 0.94 17.47
CA ALA A 249 -26.89 2.07 16.80
C ALA A 249 -27.05 1.81 15.30
N LEU A 250 -26.01 1.25 14.68
CA LEU A 250 -26.06 0.93 13.27
C LEU A 250 -27.13 -0.12 12.99
N ARG A 251 -27.35 -1.00 13.96
CA ARG A 251 -28.48 -1.90 13.90
C ARG A 251 -29.78 -1.11 13.90
N SER A 252 -29.76 0.05 14.55
CA SER A 252 -30.94 0.90 14.64
C SER A 252 -31.40 1.39 13.25
N ILE A 253 -30.46 1.72 12.38
CA ILE A 253 -30.78 2.23 11.04
C ILE A 253 -31.57 1.21 10.23
N GLY A 254 -31.54 -0.05 10.66
CA GLY A 254 -32.27 -1.11 9.96
C GLY A 254 -31.35 -1.96 9.10
N ALA A 255 -30.10 -1.53 8.97
CA ALA A 255 -29.05 -2.37 8.41
C ALA A 255 -28.75 -3.54 9.35
N GLU A 256 -28.38 -4.68 8.77
CA GLU A 256 -28.04 -5.86 9.55
C GLU A 256 -26.52 -6.07 9.57
N VAL A 257 -25.95 -6.14 10.78
CA VAL A 257 -24.50 -6.10 10.96
C VAL A 257 -24.03 -7.28 11.79
N VAL A 258 -23.03 -8.01 11.29
CA VAL A 258 -22.55 -9.22 11.95
C VAL A 258 -21.03 -9.23 12.05
N TYR A 259 -20.51 -9.33 13.27
CA TYR A 259 -19.05 -9.32 13.47
C TYR A 259 -18.45 -10.72 13.41
N ARG A 260 -17.57 -10.94 12.47
CA ARG A 260 -17.10 -12.30 12.24
C ARG A 260 -15.74 -12.66 12.83
N GLU A 261 -15.10 -11.73 13.52
CA GLU A 261 -14.01 -12.15 14.41
C GLU A 261 -13.10 -13.19 13.71
N ALA A 262 -12.43 -12.77 12.63
CA ALA A 262 -11.53 -13.66 11.88
C ALA A 262 -10.19 -13.00 11.64
N ASP A 263 -9.14 -13.83 11.49
CA ASP A 263 -7.81 -13.36 11.15
C ASP A 263 -7.54 -13.50 9.65
N VAL A 264 -7.43 -12.37 8.95
CA VAL A 264 -7.26 -12.39 7.49
C VAL A 264 -5.95 -13.06 7.06
N SER A 265 -4.99 -13.13 7.99
CA SER A 265 -3.72 -13.89 7.76
C SER A 265 -3.95 -15.37 7.62
N ASP A 266 -5.04 -15.87 8.22
CA ASP A 266 -5.35 -17.29 8.21
C ASP A 266 -6.25 -17.60 7.03
N GLN A 267 -5.66 -18.15 5.96
CA GLN A 267 -6.38 -18.40 4.73
C GLN A 267 -7.68 -19.19 4.94
N HIS A 268 -7.64 -20.15 5.86
CA HIS A 268 -8.79 -21.00 6.11
C HIS A 268 -9.91 -20.26 6.79
N ALA A 269 -9.55 -19.40 7.76
CA ALA A 269 -10.51 -18.54 8.39
C ALA A 269 -11.20 -17.64 7.35
N VAL A 270 -10.41 -17.08 6.45
CA VAL A 270 -10.97 -16.27 5.36
C VAL A 270 -11.95 -17.08 4.52
N ARG A 271 -11.57 -18.31 4.17
CA ARG A 271 -12.44 -19.19 3.38
C ARG A 271 -13.79 -19.36 4.04
N HIS A 272 -13.75 -19.72 5.33
CA HIS A 272 -14.98 -19.91 6.08
C HIS A 272 -15.81 -18.67 6.07
N LEU A 273 -15.15 -17.55 6.30
CA LEU A 273 -15.85 -16.28 6.41
C LEU A 273 -16.61 -16.00 5.11
N LEU A 274 -15.95 -16.24 3.97
CA LEU A 274 -16.57 -15.99 2.69
C LEU A 274 -17.72 -16.95 2.44
N GLU A 275 -17.49 -18.23 2.74
CA GLU A 275 -18.52 -19.25 2.55
C GLU A 275 -19.73 -18.98 3.41
N GLU A 276 -19.52 -18.77 4.71
CA GLU A 276 -20.63 -18.39 5.55
C GLU A 276 -21.31 -17.23 4.90
N ILE A 277 -20.54 -16.25 4.42
CA ILE A 277 -21.11 -15.17 3.66
C ILE A 277 -22.04 -15.75 2.58
N LYS A 278 -21.52 -16.70 1.79
CA LYS A 278 -22.26 -17.27 0.67
C LYS A 278 -23.49 -18.01 1.16
N GLU A 279 -23.28 -18.96 2.06
CA GLU A 279 -24.36 -19.77 2.57
C GLU A 279 -25.40 -18.89 3.24
N ARG A 280 -24.93 -17.89 3.98
CA ARG A 280 -25.81 -17.05 4.78
C ARG A 280 -26.61 -16.12 3.90
N TYR A 281 -25.97 -15.63 2.84
CA TYR A 281 -26.43 -14.45 2.12
C TYR A 281 -26.39 -14.71 0.62
N GLY A 282 -27.08 -13.87 -0.15
CA GLY A 282 -27.13 -14.03 -1.59
C GLY A 282 -25.76 -13.84 -2.23
N THR A 283 -25.11 -12.74 -1.88
CA THR A 283 -23.89 -12.33 -2.57
C THR A 283 -23.09 -11.30 -1.79
N LEU A 284 -21.95 -10.92 -2.35
CA LEU A 284 -21.17 -9.86 -1.83
C LEU A 284 -21.20 -8.68 -2.81
N ASN A 285 -21.63 -7.51 -2.35
CA ASN A 285 -21.69 -6.31 -3.22
C ASN A 285 -20.46 -5.42 -3.17
N GLY A 286 -19.57 -5.69 -2.24
CA GLY A 286 -18.49 -4.77 -1.96
C GLY A 286 -17.59 -5.23 -0.84
N ILE A 287 -16.30 -4.89 -0.95
CA ILE A 287 -15.33 -5.17 0.12
C ILE A 287 -14.47 -3.95 0.33
N ILE A 288 -14.35 -3.53 1.58
CA ILE A 288 -13.22 -2.68 1.99
C ILE A 288 -12.23 -3.51 2.75
N HIS A 289 -10.97 -3.47 2.35
CA HIS A 289 -9.92 -4.09 3.13
C HIS A 289 -9.30 -3.09 4.04
N GLY A 290 -9.72 -3.06 5.30
CA GLY A 290 -9.25 -2.08 6.24
C GLY A 290 -8.36 -2.66 7.32
N ALA A 291 -8.15 -3.99 7.29
CA ALA A 291 -7.36 -4.68 8.32
C ALA A 291 -5.94 -4.30 8.31
N GLY A 292 -5.37 -4.11 9.50
CA GLY A 292 -3.99 -3.68 9.66
C GLY A 292 -3.85 -2.61 10.71
N SER A 293 -2.63 -2.25 11.02
CA SER A 293 -2.31 -1.48 12.19
C SER A 293 -0.86 -1.08 12.03
N SER A 294 -0.48 0.05 12.61
CA SER A 294 0.90 0.49 12.54
C SER A 294 1.55 0.37 13.90
N LYS A 295 2.82 -0.03 13.90
CA LYS A 295 3.59 -0.09 15.13
C LYS A 295 4.89 0.63 14.98
N ASP A 296 4.93 1.86 15.48
CA ASP A 296 6.07 2.71 15.21
C ASP A 296 7.33 2.27 15.92
N ARG A 297 8.36 1.98 15.11
CA ARG A 297 9.71 1.84 15.59
C ARG A 297 10.69 2.01 14.45
N PHE A 298 11.86 2.59 14.75
CA PHE A 298 12.91 2.78 13.75
C PHE A 298 13.48 1.48 13.33
N ILE A 299 13.88 1.37 12.08
CA ILE A 299 14.39 0.12 11.56
C ILE A 299 15.46 -0.48 12.48
N ILE A 300 16.28 0.38 13.07
CA ILE A 300 17.38 -0.10 13.92
C ILE A 300 16.90 -0.94 15.14
N HIS A 301 15.76 -0.58 15.71
CA HIS A 301 15.28 -1.26 16.90
C HIS A 301 14.29 -2.37 16.67
N LYS A 302 13.56 -2.31 15.56
CA LYS A 302 12.41 -3.21 15.25
C LYS A 302 12.75 -4.70 15.24
N THR A 303 11.84 -5.52 15.75
CA THR A 303 11.99 -6.97 15.63
C THR A 303 11.46 -7.44 14.30
N ASN A 304 12.01 -8.54 13.80
CA ASN A 304 11.35 -9.34 12.74
C ASN A 304 9.88 -9.68 13.04
N GLU A 305 9.59 -10.03 14.29
CA GLU A 305 8.24 -10.43 14.66
C GLU A 305 7.24 -9.30 14.47
N GLU A 306 7.63 -8.10 14.92
CA GLU A 306 6.76 -6.95 14.78
C GLU A 306 6.60 -6.62 13.31
N PHE A 307 7.72 -6.57 12.61
CA PHE A 307 7.76 -6.37 11.17
C PHE A 307 6.76 -7.30 10.41
N GLN A 308 6.89 -8.60 10.57
CA GLN A 308 5.98 -9.55 9.91
C GLN A 308 4.56 -9.30 10.33
N GLU A 309 4.37 -8.95 11.60
CA GLU A 309 3.06 -8.83 12.17
C GLU A 309 2.26 -7.67 11.54
N VAL A 310 2.93 -6.57 11.21
CA VAL A 310 2.21 -5.53 10.50
C VAL A 310 2.05 -5.74 8.99
N LEU A 311 2.95 -6.53 8.39
CA LEU A 311 2.79 -6.93 6.97
C LEU A 311 1.61 -7.87 6.77
N GLN A 312 1.38 -8.75 7.74
CA GLN A 312 0.51 -9.90 7.52
C GLN A 312 -0.88 -9.52 6.95
N PRO A 313 -1.68 -8.73 7.72
CA PRO A 313 -3.08 -8.47 7.31
C PRO A 313 -3.20 -7.75 5.98
N LYS A 314 -2.21 -6.95 5.63
CA LYS A 314 -2.31 -6.11 4.43
C LYS A 314 -1.71 -6.84 3.20
N VAL A 315 -0.90 -7.85 3.45
CA VAL A 315 -0.20 -8.48 2.36
C VAL A 315 -0.73 -9.86 2.06
N SER A 316 -0.52 -10.80 2.98
CA SER A 316 -1.15 -12.10 2.89
C SER A 316 -2.66 -11.99 3.08
N GLY A 317 -3.07 -11.20 4.08
CA GLY A 317 -4.46 -11.03 4.38
C GLY A 317 -5.23 -10.62 3.15
N LEU A 318 -4.65 -9.69 2.40
CA LEU A 318 -5.32 -9.13 1.22
C LEU A 318 -5.39 -10.14 0.09
N LEU A 319 -4.27 -10.81 -0.19
CA LEU A 319 -4.27 -11.86 -1.18
C LEU A 319 -5.37 -12.86 -0.85
N HIS A 320 -5.38 -13.35 0.41
CA HIS A 320 -6.34 -14.38 0.84
C HIS A 320 -7.74 -13.97 0.61
N VAL A 321 -8.07 -12.73 0.98
CA VAL A 321 -9.41 -12.16 0.71
C VAL A 321 -9.70 -12.14 -0.78
N ASP A 322 -8.80 -11.53 -1.55
CA ASP A 322 -9.00 -11.43 -2.97
C ASP A 322 -9.36 -12.80 -3.54
N GLU A 323 -8.55 -13.80 -3.25
CA GLU A 323 -8.70 -15.09 -3.89
C GLU A 323 -9.91 -15.89 -3.42
N CYS A 324 -10.36 -15.64 -2.20
CA CYS A 324 -11.55 -16.32 -1.70
C CYS A 324 -12.85 -15.66 -2.19
N SER A 325 -12.78 -14.38 -2.55
CA SER A 325 -13.96 -13.67 -3.07
C SER A 325 -13.89 -13.48 -4.60
N LYS A 326 -13.03 -14.27 -5.24
CA LYS A 326 -12.85 -14.20 -6.68
C LYS A 326 -14.17 -14.37 -7.43
N ASP A 327 -14.99 -15.32 -6.98
CA ASP A 327 -16.20 -15.72 -7.73
C ASP A 327 -17.44 -14.91 -7.35
N PHE A 328 -17.24 -13.78 -6.71
CA PHE A 328 -18.36 -12.92 -6.31
C PHE A 328 -18.52 -11.76 -7.28
N PRO A 329 -19.77 -11.39 -7.60
CA PRO A 329 -20.05 -10.31 -8.53
C PRO A 329 -19.99 -8.92 -7.85
N LEU A 330 -18.78 -8.53 -7.43
CA LEU A 330 -18.58 -7.31 -6.64
C LEU A 330 -18.82 -6.04 -7.45
N ASP A 331 -19.36 -5.01 -6.79
CA ASP A 331 -19.36 -3.67 -7.36
C ASP A 331 -17.98 -2.99 -7.18
N PHE A 332 -17.26 -3.36 -6.11
CA PHE A 332 -15.94 -2.78 -5.82
C PHE A 332 -15.10 -3.66 -4.88
N PHE A 333 -13.78 -3.46 -4.93
CA PHE A 333 -12.88 -3.97 -3.93
C PHE A 333 -11.90 -2.83 -3.64
N ILE A 334 -12.07 -2.17 -2.50
CA ILE A 334 -11.30 -0.99 -2.16
C ILE A 334 -10.35 -1.27 -1.00
N PHE A 335 -9.06 -0.99 -1.21
CA PHE A 335 -8.07 -1.13 -0.12
C PHE A 335 -7.93 0.18 0.62
N PHE A 336 -7.90 0.11 1.94
CA PHE A 336 -7.53 1.28 2.74
C PHE A 336 -6.04 1.32 3.03
N SER A 337 -5.29 1.93 2.12
CA SER A 337 -3.86 2.06 2.25
C SER A 337 -3.58 3.39 2.94
N SER A 338 -2.34 3.83 2.89
CA SER A 338 -1.93 4.98 3.68
C SER A 338 -0.99 5.88 2.91
N VAL A 339 -0.97 7.13 3.29
CA VAL A 339 0.04 8.05 2.81
C VAL A 339 1.50 7.53 3.07
N SER A 340 1.66 6.70 4.10
CA SER A 340 2.97 6.09 4.39
C SER A 340 3.48 5.20 3.25
N GLY A 341 2.57 4.44 2.66
CA GLY A 341 2.92 3.55 1.56
C GLY A 341 3.64 4.24 0.41
N CYS A 342 3.27 5.49 0.12
CA CYS A 342 3.80 6.19 -1.05
C CYS A 342 4.82 7.31 -0.73
N LEU A 343 4.96 7.65 0.55
CA LEU A 343 5.93 8.70 0.94
C LEU A 343 6.97 8.16 1.88
N GLY A 344 6.73 6.94 2.37
CA GLY A 344 7.47 6.43 3.50
C GLY A 344 7.13 7.26 4.72
N ASN A 345 7.55 6.80 5.89
CA ASN A 345 7.38 7.55 7.13
C ASN A 345 8.28 6.98 8.22
N ALA A 346 8.98 7.87 8.93
CA ALA A 346 9.93 7.43 9.97
C ALA A 346 9.24 6.47 10.96
N GLY A 347 9.83 5.30 11.15
CA GLY A 347 9.29 4.34 12.08
C GLY A 347 8.24 3.40 11.50
N GLN A 348 7.99 3.48 10.22
CA GLN A 348 6.93 2.67 9.61
C GLN A 348 7.39 1.87 8.41
N ALA A 349 8.65 1.42 8.43
CA ALA A 349 9.19 0.62 7.33
C ALA A 349 8.24 -0.50 6.92
N ASP A 350 7.66 -1.18 7.91
CA ASP A 350 6.78 -2.33 7.65
C ASP A 350 5.40 -1.91 7.18
N TYR A 351 4.79 -0.95 7.89
CA TYR A 351 3.48 -0.38 7.51
C TYR A 351 3.51 0.21 6.09
N ALA A 352 4.63 0.85 5.75
CA ALA A 352 4.80 1.44 4.43
C ALA A 352 4.89 0.38 3.32
N ALA A 353 5.64 -0.71 3.57
CA ALA A 353 5.80 -1.75 2.57
C ALA A 353 4.49 -2.56 2.42
N ALA A 354 3.78 -2.73 3.53
CA ALA A 354 2.50 -3.39 3.51
C ALA A 354 1.54 -2.58 2.68
N ASN A 355 1.51 -1.29 2.92
CA ASN A 355 0.59 -0.41 2.22
C ASN A 355 0.96 -0.24 0.75
N SER A 356 2.27 -0.19 0.46
CA SER A 356 2.74 -0.15 -0.96
C SER A 356 2.36 -1.38 -1.74
N PHE A 357 2.40 -2.55 -1.08
CA PHE A 357 1.98 -3.79 -1.71
C PHE A 357 0.51 -3.69 -2.16
N MET A 358 -0.34 -3.08 -1.32
CA MET A 358 -1.77 -2.97 -1.64
C MET A 358 -1.97 -2.09 -2.85
N ASP A 359 -1.29 -0.94 -2.87
CA ASP A 359 -1.26 -0.07 -4.06
C ASP A 359 -0.87 -0.84 -5.32
N ALA A 360 0.21 -1.62 -5.24
CA ALA A 360 0.66 -2.42 -6.39
C ALA A 360 -0.39 -3.46 -6.76
N PHE A 361 -1.06 -4.01 -5.74
CA PHE A 361 -2.08 -5.02 -5.95
C PHE A 361 -3.29 -4.46 -6.73
N ALA A 362 -3.64 -3.20 -6.49
CA ALA A 362 -4.81 -2.57 -7.17
C ALA A 362 -4.69 -2.67 -8.68
N GLU A 363 -3.53 -2.35 -9.22
CA GLU A 363 -3.32 -2.45 -10.66
C GLU A 363 -3.32 -3.90 -11.10
N TYR A 364 -2.69 -4.76 -10.30
CA TYR A 364 -2.60 -6.18 -10.62
C TYR A 364 -3.99 -6.83 -10.65
N ARG A 365 -4.87 -6.43 -9.75
CA ARG A 365 -6.25 -6.93 -9.77
C ARG A 365 -7.03 -6.47 -11.00
N ARG A 366 -6.86 -5.21 -11.39
CA ARG A 366 -7.57 -4.68 -12.56
C ARG A 366 -7.24 -5.49 -13.81
N SER A 367 -5.98 -5.81 -13.98
CA SER A 367 -5.51 -6.59 -15.11
C SER A 367 -6.20 -7.95 -15.11
N LEU A 368 -6.33 -8.53 -13.92
CA LEU A 368 -7.02 -9.80 -13.76
C LEU A 368 -8.47 -9.68 -14.18
N ALA A 369 -9.12 -8.58 -13.81
CA ALA A 369 -10.49 -8.36 -14.18
C ALA A 369 -10.64 -8.26 -15.71
N ALA A 370 -9.67 -7.62 -16.36
CA ALA A 370 -9.64 -7.54 -17.82
C ALA A 370 -9.57 -8.93 -18.40
N SER A 371 -8.80 -9.80 -17.76
CA SER A 371 -8.81 -11.21 -18.08
C SER A 371 -10.20 -11.79 -17.79
N LYS A 372 -11.00 -11.05 -17.04
CA LYS A 372 -12.36 -11.46 -16.73
C LYS A 372 -12.39 -12.37 -15.51
N LYS A 373 -11.21 -12.64 -14.97
CA LYS A 373 -11.05 -13.56 -13.84
C LYS A 373 -11.57 -12.99 -12.53
N ARG A 374 -11.51 -11.66 -12.38
CA ARG A 374 -12.01 -11.00 -11.16
C ARG A 374 -13.13 -10.03 -11.47
N PHE A 375 -14.04 -9.87 -10.50
CA PHE A 375 -15.24 -9.04 -10.70
C PHE A 375 -15.17 -7.73 -9.90
N GLY A 376 -15.48 -6.63 -10.56
CA GLY A 376 -15.67 -5.33 -9.86
C GLY A 376 -14.44 -4.42 -9.87
N SER A 377 -14.66 -3.11 -9.71
CA SER A 377 -13.58 -2.13 -9.83
C SER A 377 -12.70 -2.06 -8.56
N THR A 378 -11.39 -1.93 -8.78
CA THR A 378 -10.42 -1.99 -7.67
C THR A 378 -9.74 -0.65 -7.47
N ILE A 379 -9.73 -0.17 -6.23
CA ILE A 379 -9.08 1.09 -5.90
C ILE A 379 -8.30 0.94 -4.61
N SER A 380 -7.12 1.54 -4.55
CA SER A 380 -6.40 1.69 -3.28
C SER A 380 -6.34 3.20 -2.92
N PHE A 381 -6.75 3.54 -1.72
CA PHE A 381 -6.70 4.94 -1.27
C PHE A 381 -5.51 5.12 -0.36
N ASN A 382 -4.65 6.07 -0.70
CA ASN A 382 -3.64 6.51 0.26
C ASN A 382 -4.17 7.59 1.18
N TRP A 383 -4.64 7.17 2.36
CA TRP A 383 -5.29 8.07 3.31
C TRP A 383 -4.30 8.79 4.11
N PRO A 384 -4.58 10.07 4.42
CA PRO A 384 -3.81 10.73 5.45
C PRO A 384 -4.34 10.37 6.83
N LEU A 385 -3.75 10.98 7.86
CA LEU A 385 -4.28 10.94 9.22
C LEU A 385 -5.73 11.42 9.25
N TRP A 386 -6.65 10.55 9.63
CA TRP A 386 -8.06 10.95 9.82
C TRP A 386 -8.31 11.65 11.14
N GLU A 387 -9.19 12.63 11.09
CA GLU A 387 -9.51 13.49 12.23
C GLU A 387 -9.95 12.69 13.43
N GLU A 388 -10.91 11.80 13.20
CA GLU A 388 -11.32 10.86 14.22
C GLU A 388 -11.29 9.44 13.71
N GLY A 389 -10.14 9.06 13.12
CA GLY A 389 -9.64 7.74 13.21
C GLY A 389 -8.92 7.55 14.54
N GLY A 390 -9.20 6.42 15.19
CA GLY A 390 -8.27 5.82 16.13
C GLY A 390 -7.01 5.43 15.42
N MET A 391 -6.30 4.44 15.96
CA MET A 391 -4.88 4.34 15.75
C MET A 391 -4.27 5.61 16.33
N GLN A 392 -3.57 6.37 15.49
CA GLN A 392 -2.89 7.59 15.96
C GLN A 392 -3.85 8.77 16.12
N VAL A 393 -3.56 9.63 17.10
CA VAL A 393 -4.20 10.95 17.20
C VAL A 393 -3.12 12.03 17.34
N GLY A 394 -3.27 13.11 16.58
CA GLY A 394 -2.14 13.97 16.18
C GLY A 394 -1.43 14.68 17.33
N ALA A 395 -2.22 15.29 18.22
CA ALA A 395 -1.69 15.94 19.42
C ALA A 395 -0.57 16.94 19.09
N GLU A 396 0.55 16.80 19.78
CA GLU A 396 1.71 17.67 19.57
C GLU A 396 2.34 17.43 18.20
N ASP A 397 2.46 16.15 17.84
CA ASP A 397 3.05 15.77 16.55
C ASP A 397 2.23 16.36 15.45
N GLU A 398 0.95 16.59 15.74
CA GLU A 398 0.06 17.15 14.76
C GLU A 398 0.73 18.34 14.17
N LYS A 399 1.44 19.07 15.02
CA LYS A 399 1.97 20.36 14.65
C LYS A 399 3.18 20.24 13.71
N ARG A 400 4.09 19.30 14.01
CA ARG A 400 5.24 19.01 13.16
C ARG A 400 4.78 18.53 11.78
N MET A 401 3.80 17.64 11.79
CA MET A 401 3.25 17.08 10.55
C MET A 401 2.60 18.17 9.74
N LEU A 402 2.07 19.20 10.41
CA LEU A 402 1.56 20.39 9.73
C LEU A 402 2.73 21.25 9.29
N LYS A 403 3.71 21.40 10.17
CA LYS A 403 4.95 22.12 9.85
C LYS A 403 5.88 21.31 8.96
N THR A 404 6.03 20.02 9.26
CA THR A 404 6.79 19.12 8.38
C THR A 404 6.12 18.96 7.03
N THR A 405 4.79 18.78 7.02
CA THR A 405 4.08 18.39 5.80
C THR A 405 2.98 19.36 5.37
N GLY A 406 2.52 20.21 6.28
CA GLY A 406 1.36 21.09 5.99
C GLY A 406 0.04 20.35 6.06
N MET A 407 0.08 19.15 6.61
CA MET A 407 -1.09 18.29 6.67
C MET A 407 -1.85 18.48 7.98
N VAL A 408 -3.17 18.37 7.92
CA VAL A 408 -3.99 18.38 9.12
C VAL A 408 -4.83 17.14 9.20
N PRO A 409 -5.14 16.71 10.43
CA PRO A 409 -6.19 15.76 10.67
C PRO A 409 -7.38 16.07 9.78
N MET A 410 -7.74 15.09 8.95
CA MET A 410 -8.74 15.24 7.91
C MET A 410 -10.10 14.95 8.48
N PRO A 411 -11.04 15.86 8.27
CA PRO A 411 -12.43 15.73 8.75
C PRO A 411 -13.19 14.68 7.96
N THR A 412 -14.22 14.12 8.59
CA THR A 412 -14.84 12.88 8.13
C THR A 412 -15.60 13.03 6.80
N ASP A 413 -16.29 14.17 6.64
CA ASP A 413 -17.01 14.45 5.39
C ASP A 413 -16.05 14.68 4.24
N SER A 414 -15.00 15.46 4.51
CA SER A 414 -13.94 15.68 3.55
C SER A 414 -13.42 14.33 3.07
N GLY A 415 -13.26 13.40 4.01
CA GLY A 415 -12.81 12.06 3.69
C GLY A 415 -13.79 11.26 2.89
N LEU A 416 -15.06 11.33 3.31
CA LEU A 416 -16.12 10.62 2.61
C LEU A 416 -16.33 11.21 1.23
N LYS A 417 -16.17 12.54 1.11
CA LYS A 417 -16.24 13.17 -0.18
C LYS A 417 -15.14 12.66 -1.09
N ALA A 418 -13.91 12.64 -0.58
CA ALA A 418 -12.78 12.13 -1.33
C ALA A 418 -12.99 10.64 -1.69
N PHE A 419 -13.56 9.90 -0.77
CA PHE A 419 -13.88 8.51 -1.02
C PHE A 419 -14.80 8.35 -2.23
N TYR A 420 -15.88 9.13 -2.27
CA TYR A 420 -16.82 9.08 -3.38
C TYR A 420 -16.21 9.61 -4.68
N GLN A 421 -15.49 10.72 -4.59
CA GLN A 421 -14.77 11.26 -5.74
C GLN A 421 -13.75 10.25 -6.31
N GLY A 422 -13.14 9.45 -5.43
CA GLY A 422 -12.13 8.49 -5.83
C GLY A 422 -12.74 7.36 -6.64
N ILE A 423 -13.96 6.96 -6.29
CA ILE A 423 -14.63 5.91 -6.98
C ILE A 423 -14.98 6.31 -8.41
N VAL A 424 -15.66 7.44 -8.56
CA VAL A 424 -16.09 7.89 -9.87
C VAL A 424 -14.93 8.10 -10.86
N SER A 425 -13.78 8.54 -10.36
CA SER A 425 -12.60 8.70 -11.23
C SER A 425 -12.10 7.34 -11.77
N ASP A 426 -12.19 6.30 -10.95
CA ASP A 426 -11.91 4.91 -11.36
C ASP A 426 -10.44 4.60 -11.64
N LYS A 427 -9.56 5.20 -10.86
CA LYS A 427 -8.14 4.92 -10.93
C LYS A 427 -7.80 3.92 -9.86
N PRO A 428 -6.79 3.09 -10.11
CA PRO A 428 -6.41 2.05 -9.15
C PRO A 428 -5.87 2.66 -7.85
N GLN A 429 -5.41 3.90 -7.90
CA GLN A 429 -4.73 4.49 -6.76
C GLN A 429 -5.01 5.97 -6.64
N VAL A 430 -5.48 6.36 -5.47
CA VAL A 430 -5.81 7.75 -5.19
C VAL A 430 -5.13 8.15 -3.88
N PHE A 431 -4.35 9.21 -3.93
CA PHE A 431 -3.62 9.66 -2.77
C PHE A 431 -4.31 10.89 -2.20
N VAL A 432 -4.77 10.80 -0.96
CA VAL A 432 -5.53 11.87 -0.39
C VAL A 432 -4.78 12.56 0.72
N MET A 433 -4.78 13.88 0.69
CA MET A 433 -4.07 14.70 1.65
C MET A 433 -5.01 15.80 2.10
N GLU A 434 -5.00 16.14 3.38
CA GLU A 434 -5.69 17.39 3.84
C GLU A 434 -4.76 18.26 4.65
N GLY A 435 -4.76 19.54 4.37
CA GLY A 435 -3.80 20.46 4.99
C GLY A 435 -3.76 21.72 4.17
N GLN A 436 -2.69 22.49 4.31
CA GLN A 436 -2.53 23.69 3.51
C GLN A 436 -1.94 23.39 2.12
N LEU A 437 -2.66 23.82 1.07
CA LEU A 437 -2.36 23.39 -0.30
C LEU A 437 -0.93 23.67 -0.76
N GLN A 438 -0.47 24.91 -0.58
CA GLN A 438 0.82 25.32 -1.12
C GLN A 438 2.00 24.58 -0.47
N LYS A 439 1.88 24.31 0.83
CA LYS A 439 2.88 23.51 1.52
C LYS A 439 2.90 22.08 1.00
N MET A 440 1.71 21.50 0.87
CA MET A 440 1.59 20.14 0.36
C MET A 440 2.19 20.04 -1.04
N LYS A 441 1.69 20.87 -1.96
CA LYS A 441 2.16 20.85 -3.34
C LYS A 441 3.65 21.13 -3.43
N GLN A 442 4.14 22.00 -2.56
CA GLN A 442 5.56 22.36 -2.54
C GLN A 442 6.44 21.17 -2.19
N LYS A 443 6.03 20.41 -1.17
CA LYS A 443 6.73 19.18 -0.82
C LYS A 443 6.67 18.16 -1.96
N LEU A 444 5.49 17.98 -2.55
CA LEU A 444 5.22 16.85 -3.46
C LEU A 444 5.22 17.27 -4.95
N LEU A 445 4.79 18.50 -5.22
CA LEU A 445 4.41 18.92 -6.59
C LEU A 445 3.10 18.25 -6.99
#